data_8ZX9
#
_entry.id   8ZX9
#
_cell.length_a   47.980
_cell.length_b   86.337
_cell.length_c   87.509
_cell.angle_alpha   90.000
_cell.angle_beta   95.480
_cell.angle_gamma   90.000
#
_symmetry.space_group_name_H-M   'P 1 21 1'
#
loop_
_entity.id
_entity.type
_entity.pdbx_description
1 polymer 'Beta-1,3-galactosyltransferase 5'
2 branched 2-acetamido-2-deoxy-beta-D-glucopyranose-(1-4)-2-acetamido-2-deoxy-beta-D-glucopyranose
3 branched alpha-D-mannopyranose-(1-3)-[alpha-D-mannopyranose-(1-6)]beta-D-mannopyranose-(1-4)-2-acetamido-2-deoxy-beta-D-glucopyranose-(1-4)-[alpha-L-fucopyranose-(1-6)]2-acetamido-2-deoxy-beta-D-glucopyranose
4 branched alpha-L-fucopyranose-(1-6)-2-acetamido-2-deoxy-beta-D-glucopyranose
5 non-polymer 'MANGANESE (II) ION'
6 non-polymer "URIDINE-5'-DIPHOSPHATE"
7 non-polymer beta-D-galactopyranose
8 non-polymer 2-[3-(2-HYDROXY-1,1-DIHYDROXYMETHYL-ETHYLAMINO)-PROPYLAMINO]-2-HYDROXYMETHYL-PROPANE-1,3-DIOL
9 non-polymer DI(HYDROXYETHYL)ETHER
10 water water
#
_entity_poly.entity_id   1
_entity_poly.type   'polypeptide(L)'
_entity_poly.pdbx_seq_one_letter_code
;FKEQSFVYKKDGNFLKLPDTDCRQTPPFLVLLVTSSHKQLAERMAIRQTWGKERMVKGKQLKTFFLLGTTSSAAETKEVD
QESQRHGDIIQKDFLDVYYNLTLKTMMGIEWVHRFCPQAAFVMKTDSDMFINVDYLTELLLKKNRTTRFFTGFLKLNEFP
IRQPFSKWFVSKSEYPWDRYPPFCSGTGYVFSGDVASQVYNVSKSVPYIKLEDVFVGLCLERLNIRLEELHSQPTFFPGG
LRFSVCLFRRIVACHFIKPRTLLDYWQALENSRGEDCP
;
_entity_poly.pdbx_strand_id   A,B
#
# COMPACT_ATOMS: atom_id res chain seq x y z
N GLY A 12 14.48 -1.82 6.16
CA GLY A 12 15.45 -2.43 5.23
C GLY A 12 15.29 -1.97 3.80
N ASN A 13 14.72 -0.78 3.55
CA ASN A 13 14.61 -0.22 2.17
C ASN A 13 13.60 -1.02 1.33
N PHE A 14 12.44 -1.33 1.88
CA PHE A 14 11.39 -2.09 1.14
C PHE A 14 10.39 -1.11 0.57
N LEU A 15 10.12 -1.24 -0.72
CA LEU A 15 9.11 -0.39 -1.37
C LEU A 15 7.70 -0.88 -1.02
N LYS A 16 7.50 -2.20 -1.04
CA LYS A 16 6.17 -2.76 -0.72
C LYS A 16 6.27 -3.80 0.39
N LEU A 17 5.34 -3.76 1.34
CA LEU A 17 5.30 -4.67 2.47
C LEU A 17 3.89 -5.24 2.57
N PRO A 18 3.76 -6.54 2.80
CA PRO A 18 2.43 -7.13 3.02
C PRO A 18 1.80 -6.67 4.33
N ASP A 19 0.49 -6.45 4.28
CA ASP A 19 -0.31 -6.06 5.44
C ASP A 19 -0.52 -7.29 6.32
N THR A 20 0.48 -7.57 7.15
CA THR A 20 0.41 -8.74 8.03
C THR A 20 1.12 -8.43 9.31
N ASP A 21 0.76 -9.12 10.39
CA ASP A 21 1.41 -8.93 11.71
C ASP A 21 1.73 -10.31 12.27
N CYS A 22 2.94 -10.79 12.01
CA CYS A 22 3.33 -12.15 12.45
C CYS A 22 3.49 -12.25 13.97
N ARG A 23 3.35 -11.15 14.71
CA ARG A 23 3.55 -11.18 16.18
C ARG A 23 2.20 -11.47 16.84
N GLN A 24 1.15 -10.85 16.31
CA GLN A 24 -0.22 -11.16 16.79
C GLN A 24 -0.56 -12.60 16.38
N THR A 25 -0.40 -12.93 15.10
CA THR A 25 -0.78 -14.27 14.61
C THR A 25 0.42 -14.96 14.00
N PRO A 26 1.26 -15.63 14.79
CA PRO A 26 2.47 -16.32 14.28
C PRO A 26 2.09 -17.39 13.26
N PRO A 27 2.44 -17.20 11.99
CA PRO A 27 2.10 -18.17 10.91
C PRO A 27 2.88 -19.46 11.09
N PHE A 28 2.28 -20.59 10.70
CA PHE A 28 3.02 -21.84 10.75
C PHE A 28 3.87 -22.03 9.50
N LEU A 29 3.33 -21.72 8.33
CA LEU A 29 4.05 -21.85 7.06
C LEU A 29 3.86 -20.57 6.26
N VAL A 30 4.97 -19.98 5.82
CA VAL A 30 4.96 -18.83 4.94
C VAL A 30 5.51 -19.24 3.58
N LEU A 31 4.74 -19.01 2.52
CA LEU A 31 5.18 -19.27 1.16
C LEU A 31 5.64 -17.97 0.53
N LEU A 32 6.87 -17.96 0.03
CA LEU A 32 7.42 -16.83 -0.72
C LEU A 32 7.59 -17.28 -2.17
N VAL A 33 6.86 -16.61 -3.05
CA VAL A 33 6.82 -17.03 -4.48
C VAL A 33 7.52 -16.02 -5.40
N THR A 34 8.41 -16.54 -6.23
CA THR A 34 9.11 -15.74 -7.24
C THR A 34 8.30 -15.70 -8.53
N SER A 35 8.09 -14.50 -9.07
CA SER A 35 7.40 -14.32 -10.36
C SER A 35 7.85 -12.98 -10.94
N SER A 36 8.04 -12.88 -12.25
CA SER A 36 8.33 -11.58 -12.83
C SER A 36 7.05 -10.77 -12.95
N HIS A 37 7.21 -9.49 -13.31
CA HIS A 37 6.09 -8.55 -13.30
C HIS A 37 4.95 -8.99 -14.22
N LYS A 38 5.29 -9.40 -15.45
CA LYS A 38 4.26 -9.73 -16.42
C LYS A 38 3.53 -11.04 -16.11
N GLN A 39 3.99 -11.80 -15.10
CA GLN A 39 3.37 -13.10 -14.77
C GLN A 39 2.19 -12.92 -13.80
N LEU A 40 1.27 -12.02 -14.13
CA LEU A 40 0.09 -11.87 -13.28
C LEU A 40 -0.79 -13.12 -13.32
N ALA A 41 -0.87 -13.79 -14.48
CA ALA A 41 -1.70 -14.99 -14.59
C ALA A 41 -1.25 -16.08 -13.61
N GLU A 42 0.07 -16.24 -13.47
CA GLU A 42 0.65 -17.22 -12.52
C GLU A 42 0.23 -16.87 -11.08
N ARG A 43 0.36 -15.59 -10.72
CA ARG A 43 0.06 -15.20 -9.34
C ARG A 43 -1.41 -15.40 -9.03
N MET A 44 -2.28 -15.10 -10.00
CA MET A 44 -3.71 -15.32 -9.78
C MET A 44 -4.02 -16.81 -9.63
N ALA A 45 -3.47 -17.65 -10.50
CA ALA A 45 -3.71 -19.10 -10.38
C ALA A 45 -3.27 -19.60 -8.99
N ILE A 46 -2.13 -19.14 -8.48
CA ILE A 46 -1.62 -19.56 -7.15
C ILE A 46 -2.55 -19.02 -6.06
N ARG A 47 -2.99 -17.77 -6.19
CA ARG A 47 -3.90 -17.14 -5.21
C ARG A 47 -5.23 -17.92 -5.10
N GLN A 48 -5.70 -18.48 -6.21
CA GLN A 48 -6.96 -19.26 -6.20
C GLN A 48 -6.70 -20.76 -5.87
N THR A 49 -5.43 -21.17 -5.83
CA THR A 49 -5.11 -22.59 -5.58
C THR A 49 -4.31 -22.78 -4.29
N TRP A 50 -3.07 -23.24 -4.39
CA TRP A 50 -2.25 -23.58 -3.19
C TRP A 50 -1.79 -22.36 -2.37
N GLY A 51 -1.90 -21.16 -2.90
CA GLY A 51 -1.51 -19.94 -2.19
C GLY A 51 -2.67 -19.31 -1.44
N LYS A 52 -3.86 -19.88 -1.56
CA LYS A 52 -5.04 -19.35 -0.83
C LYS A 52 -4.79 -19.48 0.68
N GLU A 53 -4.76 -18.34 1.37
CA GLU A 53 -4.49 -18.33 2.82
C GLU A 53 -5.62 -19.06 3.53
N ARG A 54 -5.26 -19.91 4.49
CA ARG A 54 -6.25 -20.72 5.18
C ARG A 54 -5.57 -21.37 6.38
N MET A 55 -6.39 -22.05 7.18
CA MET A 55 -5.91 -22.88 8.27
C MET A 55 -5.78 -24.31 7.77
N VAL A 56 -4.61 -24.91 7.95
CA VAL A 56 -4.35 -26.28 7.56
C VAL A 56 -4.06 -27.04 8.83
N LYS A 57 -5.02 -27.87 9.26
CA LYS A 57 -4.92 -28.60 10.53
C LYS A 57 -4.71 -27.62 11.68
N GLY A 58 -5.44 -26.51 11.66
CA GLY A 58 -5.28 -25.50 12.69
C GLY A 58 -4.00 -24.68 12.62
N LYS A 59 -3.24 -24.76 11.53
CA LYS A 59 -1.99 -24.02 11.36
C LYS A 59 -2.19 -22.96 10.29
N GLN A 60 -1.79 -21.73 10.58
CA GLN A 60 -2.00 -20.66 9.63
C GLN A 60 -1.00 -20.76 8.48
N LEU A 61 -1.50 -20.54 7.26
CA LEU A 61 -0.69 -20.48 6.05
C LEU A 61 -0.78 -19.07 5.48
N LYS A 62 0.36 -18.46 5.19
CA LYS A 62 0.43 -17.14 4.56
C LYS A 62 1.21 -17.23 3.25
N THR A 63 0.84 -16.42 2.27
CA THR A 63 1.45 -16.47 0.95
C THR A 63 1.81 -15.08 0.48
N PHE A 64 3.08 -14.88 0.11
CA PHE A 64 3.53 -13.58 -0.36
C PHE A 64 4.31 -13.75 -1.66
N PHE A 65 4.27 -12.71 -2.51
CA PHE A 65 4.94 -12.72 -3.80
C PHE A 65 6.10 -11.73 -3.79
N LEU A 66 7.28 -12.22 -4.19
CA LEU A 66 8.50 -11.43 -4.25
C LEU A 66 8.63 -10.78 -5.62
N LEU A 67 8.81 -9.45 -5.65
CA LEU A 67 9.00 -8.72 -6.90
C LEU A 67 10.16 -7.75 -6.76
N GLY A 68 10.85 -7.52 -7.86
CA GLY A 68 11.73 -6.40 -7.99
C GLY A 68 11.04 -5.23 -8.66
N THR A 69 11.82 -4.46 -9.42
CA THR A 69 11.30 -3.34 -10.17
C THR A 69 11.65 -3.55 -11.63
N THR A 70 10.99 -2.77 -12.47
CA THR A 70 11.16 -2.90 -13.92
C THR A 70 11.26 -1.52 -14.55
N SER A 71 11.92 -1.48 -15.71
CA SER A 71 11.98 -0.23 -16.46
C SER A 71 10.58 0.19 -16.88
N SER A 72 9.81 -0.77 -17.41
CA SER A 72 8.47 -0.52 -17.91
C SER A 72 7.61 0.25 -16.91
N ALA A 73 7.08 1.40 -17.34
CA ALA A 73 6.16 2.14 -16.49
C ALA A 73 4.81 1.41 -16.42
N ALA A 74 4.35 0.89 -17.56
CA ALA A 74 3.11 0.11 -17.59
C ALA A 74 3.13 -0.97 -16.50
N GLU A 75 4.07 -1.90 -16.62
CA GLU A 75 4.16 -2.96 -15.62
C GLU A 75 4.20 -2.39 -14.22
N THR A 76 4.98 -1.32 -14.00
CA THR A 76 5.04 -0.74 -12.66
C THR A 76 3.63 -0.42 -12.17
N LYS A 77 2.89 0.36 -12.96
CA LYS A 77 1.51 0.68 -12.60
C LYS A 77 0.73 -0.58 -12.23
N GLU A 78 0.76 -1.58 -13.13
CA GLU A 78 0.02 -2.81 -12.88
C GLU A 78 0.35 -3.35 -11.50
N VAL A 79 1.64 -3.54 -11.22
CA VAL A 79 2.03 -4.15 -9.96
C VAL A 79 1.58 -3.28 -8.80
N ASP A 80 1.75 -1.97 -8.92
CA ASP A 80 1.27 -1.10 -7.86
C ASP A 80 -0.22 -1.36 -7.62
N GLN A 81 -1.01 -1.39 -8.67
CA GLN A 81 -2.47 -1.70 -8.51
C GLN A 81 -2.68 -3.08 -7.84
N GLU A 82 -1.92 -4.09 -8.27
CA GLU A 82 -2.04 -5.45 -7.70
C GLU A 82 -1.75 -5.42 -6.19
N SER A 83 -0.68 -4.73 -5.80
CA SER A 83 -0.33 -4.63 -4.37
C SER A 83 -1.48 -3.99 -3.58
N GLN A 84 -2.09 -2.94 -4.13
CA GLN A 84 -3.21 -2.26 -3.45
C GLN A 84 -4.42 -3.18 -3.33
N ARG A 85 -4.68 -3.94 -4.39
CA ARG A 85 -5.83 -4.87 -4.38
C ARG A 85 -5.55 -6.13 -3.53
N HIS A 86 -4.30 -6.61 -3.46
CA HIS A 86 -4.06 -7.90 -2.76
C HIS A 86 -3.27 -7.76 -1.46
N GLY A 87 -2.38 -6.78 -1.36
CA GLY A 87 -1.59 -6.57 -0.14
C GLY A 87 -0.70 -7.76 0.20
N ASP A 88 -0.22 -8.47 -0.80
CA ASP A 88 0.59 -9.66 -0.55
C ASP A 88 1.91 -9.64 -1.31
N ILE A 89 2.39 -8.44 -1.69
CA ILE A 89 3.61 -8.29 -2.46
C ILE A 89 4.71 -7.75 -1.57
N ILE A 90 5.90 -8.35 -1.70
CA ILE A 90 7.13 -7.92 -1.05
C ILE A 90 8.02 -7.40 -2.16
N GLN A 91 8.45 -6.15 -2.07
CA GLN A 91 9.19 -5.55 -3.17
C GLN A 91 10.34 -4.70 -2.63
N LYS A 92 11.45 -4.71 -3.36
CA LYS A 92 12.62 -3.85 -3.06
C LYS A 92 13.10 -3.34 -4.43
N ASP A 93 13.88 -2.27 -4.45
CA ASP A 93 14.29 -1.66 -5.75
C ASP A 93 15.49 -2.41 -6.32
N PHE A 94 15.21 -3.41 -7.15
CA PHE A 94 16.28 -4.15 -7.86
C PHE A 94 15.69 -4.57 -9.19
N LEU A 95 16.51 -4.53 -10.23
CA LEU A 95 16.02 -4.92 -11.57
C LEU A 95 15.59 -6.39 -11.54
N ASP A 96 14.31 -6.64 -11.70
CA ASP A 96 13.76 -8.01 -11.67
C ASP A 96 14.07 -8.75 -12.97
N VAL A 97 15.21 -9.44 -13.00
CA VAL A 97 15.64 -10.25 -14.17
C VAL A 97 16.13 -11.61 -13.63
N TYR A 98 16.24 -12.62 -14.49
CA TYR A 98 16.69 -13.98 -14.08
C TYR A 98 18.03 -13.91 -13.34
N TYR A 99 18.96 -13.06 -13.78
CA TYR A 99 20.29 -13.01 -13.14
C TYR A 99 20.28 -12.11 -11.88
N ASN A 100 19.10 -11.78 -11.37
CA ASN A 100 18.97 -11.01 -10.09
C ASN A 100 18.12 -11.82 -9.10
N LEU A 101 17.90 -13.10 -9.38
CA LEU A 101 17.07 -13.96 -8.50
C LEU A 101 17.74 -14.15 -7.12
N THR A 102 19.06 -14.04 -7.04
CA THR A 102 19.73 -14.13 -5.73
C THR A 102 19.27 -12.93 -4.88
N LEU A 103 19.20 -11.74 -5.48
CA LEU A 103 18.67 -10.54 -4.76
C LEU A 103 17.21 -10.79 -4.34
N LYS A 104 16.40 -11.33 -5.24
CA LYS A 104 14.99 -11.63 -4.90
C LYS A 104 14.98 -12.61 -3.71
N THR A 105 15.78 -13.67 -3.78
CA THR A 105 15.70 -14.62 -2.68
C THR A 105 16.19 -14.00 -1.38
N MET A 106 17.29 -13.25 -1.44
CA MET A 106 17.74 -12.58 -0.23
C MET A 106 16.72 -11.55 0.24
N MET A 107 15.97 -10.94 -0.68
CA MET A 107 14.90 -10.03 -0.25
C MET A 107 13.85 -10.77 0.59
N GLY A 108 13.40 -11.95 0.11
CA GLY A 108 12.43 -12.70 0.89
C GLY A 108 12.98 -13.13 2.23
N ILE A 109 14.23 -13.58 2.25
CA ILE A 109 14.84 -14.01 3.51
C ILE A 109 14.96 -12.82 4.46
N GLU A 110 15.37 -11.67 3.94
CA GLU A 110 15.41 -10.47 4.78
C GLU A 110 14.03 -10.12 5.30
N TRP A 111 13.00 -10.21 4.47
CA TRP A 111 11.64 -9.92 4.96
C TRP A 111 11.29 -10.88 6.11
N VAL A 112 11.58 -12.16 5.95
CA VAL A 112 11.29 -13.07 7.06
C VAL A 112 12.02 -12.63 8.32
N HIS A 113 13.28 -12.22 8.17
CA HIS A 113 14.08 -11.92 9.35
C HIS A 113 13.60 -10.65 10.05
N ARG A 114 13.19 -9.64 9.28
CA ARG A 114 12.79 -8.35 9.85
C ARG A 114 11.34 -8.31 10.29
N PHE A 115 10.44 -8.97 9.56
CA PHE A 115 8.98 -8.77 9.83
C PHE A 115 8.23 -10.04 10.18
N CYS A 116 8.83 -11.20 10.01
CA CYS A 116 8.15 -12.45 10.42
C CYS A 116 9.14 -13.46 10.99
N PRO A 117 9.99 -13.11 11.97
CA PRO A 117 10.87 -14.12 12.56
C PRO A 117 10.11 -15.19 13.31
N GLN A 118 8.81 -15.00 13.55
CA GLN A 118 7.98 -15.97 14.30
C GLN A 118 7.54 -17.17 13.43
N ALA A 119 7.59 -17.05 12.09
CA ALA A 119 7.18 -18.14 11.22
C ALA A 119 7.86 -19.44 11.62
N ALA A 120 7.08 -20.50 11.80
CA ALA A 120 7.72 -21.78 12.10
C ALA A 120 8.54 -22.26 10.92
N PHE A 121 7.99 -22.15 9.71
CA PHE A 121 8.62 -22.67 8.52
C PHE A 121 8.39 -21.72 7.36
N VAL A 122 9.33 -21.70 6.43
CA VAL A 122 9.24 -20.85 5.26
C VAL A 122 9.52 -21.69 4.02
N MET A 123 8.72 -21.47 2.99
CA MET A 123 8.98 -22.16 1.71
C MET A 123 9.23 -21.14 0.60
N LYS A 124 10.41 -21.16 0.03
CA LYS A 124 10.67 -20.32 -1.15
C LYS A 124 10.34 -21.20 -2.36
N THR A 125 9.46 -20.73 -3.23
CA THR A 125 9.04 -21.54 -4.38
C THR A 125 8.97 -20.71 -5.62
N ASP A 126 8.98 -21.40 -6.74
CA ASP A 126 8.80 -20.72 -8.03
C ASP A 126 7.31 -20.68 -8.39
N SER A 127 6.98 -20.06 -9.51
CA SER A 127 5.57 -19.83 -9.91
C SER A 127 5.05 -20.91 -10.89
N ASP A 128 5.95 -21.69 -11.47
CA ASP A 128 5.61 -22.78 -12.43
C ASP A 128 5.50 -24.08 -11.62
N MET A 129 4.73 -24.03 -10.56
CA MET A 129 4.76 -25.18 -9.63
C MET A 129 3.42 -25.54 -8.99
N PHE A 130 3.30 -26.81 -8.63
CA PHE A 130 2.15 -27.27 -7.84
C PHE A 130 2.70 -27.53 -6.44
N ILE A 131 2.06 -26.96 -5.43
CA ILE A 131 2.49 -27.20 -4.04
C ILE A 131 1.34 -27.85 -3.26
N ASN A 132 1.58 -29.02 -2.68
CA ASN A 132 0.57 -29.63 -1.78
C ASN A 132 0.90 -29.19 -0.36
N VAL A 133 0.28 -28.11 0.08
CA VAL A 133 0.55 -27.59 1.42
C VAL A 133 0.00 -28.50 2.50
N ASP A 134 -1.10 -29.22 2.25
CA ASP A 134 -1.68 -30.08 3.27
C ASP A 134 -0.73 -31.23 3.59
N TYR A 135 -0.16 -31.85 2.57
CA TYR A 135 0.84 -32.94 2.80
C TYR A 135 2.16 -32.40 3.37
N LEU A 136 2.58 -31.18 2.97
CA LEU A 136 3.80 -30.62 3.53
C LEU A 136 3.65 -30.31 5.01
N THR A 137 2.53 -29.70 5.39
CA THR A 137 2.27 -29.41 6.79
C THR A 137 2.27 -30.69 7.64
N GLU A 138 1.57 -31.72 7.16
CA GLU A 138 1.58 -33.01 7.84
C GLU A 138 3.00 -33.57 8.01
N LEU A 139 3.83 -33.48 6.98
CA LEU A 139 5.21 -34.05 7.04
C LEU A 139 6.12 -33.20 7.96
N LEU A 140 5.89 -31.89 8.04
CA LEU A 140 6.68 -31.01 8.93
C LEU A 140 6.36 -31.33 10.40
N LEU A 141 5.08 -31.51 10.73
CA LEU A 141 4.64 -31.80 12.11
C LEU A 141 5.13 -33.19 12.53
N LYS A 142 5.50 -34.03 11.57
CA LYS A 142 6.02 -35.38 11.89
C LYS A 142 7.54 -35.38 12.05
N LYS A 143 8.24 -34.34 11.63
CA LYS A 143 9.73 -34.36 11.64
C LYS A 143 10.27 -33.96 13.02
N ASN A 144 9.51 -33.18 13.78
CA ASN A 144 9.92 -32.76 15.15
C ASN A 144 11.20 -31.93 15.05
N ARG A 145 11.48 -31.35 13.87
CA ARG A 145 12.69 -30.52 13.63
C ARG A 145 12.29 -29.05 13.45
N THR A 146 12.44 -28.21 14.47
CA THR A 146 11.98 -26.82 14.41
C THR A 146 13.11 -25.80 14.37
N THR A 147 14.38 -26.23 14.46
CA THR A 147 15.48 -25.29 14.34
C THR A 147 16.55 -25.80 13.37
N ARG A 148 17.26 -24.87 12.72
CA ARG A 148 18.37 -25.23 11.79
C ARG A 148 17.92 -26.32 10.83
N PHE A 149 16.72 -26.17 10.31
CA PHE A 149 16.13 -27.20 9.45
C PHE A 149 16.04 -26.68 8.02
N PHE A 150 16.50 -27.46 7.05
CA PHE A 150 16.47 -27.05 5.65
C PHE A 150 16.27 -28.27 4.77
N THR A 151 15.22 -28.28 3.94
CA THR A 151 14.93 -29.44 3.12
C THR A 151 14.40 -29.04 1.74
N GLY A 152 14.36 -30.03 0.86
CA GLY A 152 13.82 -29.88 -0.50
C GLY A 152 14.34 -31.03 -1.33
N PHE A 153 14.61 -30.77 -2.61
CA PHE A 153 15.25 -31.79 -3.47
C PHE A 153 16.73 -31.57 -3.29
N LEU A 154 17.38 -32.52 -2.64
CA LEU A 154 18.79 -32.35 -2.30
C LEU A 154 19.67 -32.57 -3.53
N LYS A 155 20.61 -31.65 -3.75
CA LYS A 155 21.58 -31.74 -4.87
C LYS A 155 22.97 -31.73 -4.20
N LEU A 156 23.61 -32.88 -4.09
CA LEU A 156 24.83 -32.98 -3.26
C LEU A 156 26.16 -33.03 -4.02
N ASN A 157 26.18 -33.44 -5.29
CA ASN A 157 27.46 -33.35 -6.04
C ASN A 157 27.18 -32.70 -7.41
N GLU A 158 26.87 -31.42 -7.40
CA GLU A 158 26.54 -30.71 -8.65
C GLU A 158 27.81 -30.04 -9.17
N PHE A 159 27.96 -30.06 -10.50
CA PHE A 159 29.13 -29.42 -11.13
C PHE A 159 28.64 -28.17 -11.82
N PRO A 160 29.33 -27.03 -11.67
CA PRO A 160 29.00 -25.80 -12.42
C PRO A 160 28.89 -26.05 -13.92
N ILE A 161 27.89 -25.44 -14.55
CA ILE A 161 27.74 -25.58 -16.02
C ILE A 161 28.71 -24.61 -16.70
N ARG A 162 29.62 -25.16 -17.48
CA ARG A 162 30.63 -24.33 -18.20
C ARG A 162 30.27 -24.19 -19.70
N GLN A 163 29.12 -24.71 -20.12
CA GLN A 163 28.65 -24.53 -21.52
C GLN A 163 28.30 -23.04 -21.65
N PRO A 164 29.09 -22.25 -22.42
CA PRO A 164 28.96 -20.76 -22.44
C PRO A 164 27.56 -20.22 -22.77
N PHE A 165 26.73 -20.95 -23.49
CA PHE A 165 25.43 -20.35 -23.91
C PHE A 165 24.25 -20.93 -23.10
N SER A 166 24.56 -21.79 -22.13
CA SER A 166 23.49 -22.36 -21.27
C SER A 166 22.88 -21.27 -20.39
N LYS A 167 21.60 -21.39 -20.11
CA LYS A 167 20.93 -20.43 -19.21
C LYS A 167 21.65 -20.43 -17.86
N TRP A 168 22.19 -21.59 -17.47
CA TRP A 168 22.79 -21.60 -16.13
C TRP A 168 24.32 -21.63 -16.17
N PHE A 169 24.93 -21.16 -17.26
CA PHE A 169 26.38 -21.06 -17.34
C PHE A 169 26.91 -20.11 -16.27
N VAL A 170 27.97 -20.54 -15.60
CA VAL A 170 28.76 -19.65 -14.74
C VAL A 170 30.22 -19.79 -15.14
N SER A 171 30.86 -18.68 -15.45
CA SER A 171 32.27 -18.68 -15.80
C SER A 171 33.13 -19.08 -14.59
N LYS A 172 34.41 -19.34 -14.86
CA LYS A 172 35.33 -19.62 -13.78
C LYS A 172 35.60 -18.39 -12.93
N SER A 173 35.36 -17.19 -13.41
CA SER A 173 35.49 -16.00 -12.55
C SER A 173 34.27 -15.88 -11.63
N GLU A 174 33.10 -16.24 -12.14
CA GLU A 174 31.85 -16.17 -11.35
C GLU A 174 31.86 -17.26 -10.25
N TYR A 175 32.36 -18.45 -10.58
CA TYR A 175 32.43 -19.57 -9.62
C TYR A 175 33.69 -20.37 -9.95
N PRO A 176 34.80 -20.14 -9.23
CA PRO A 176 36.12 -20.72 -9.60
C PRO A 176 36.38 -22.17 -9.19
N TRP A 177 35.41 -22.86 -8.59
CA TRP A 177 35.74 -24.21 -8.10
C TRP A 177 35.04 -25.34 -8.89
N ASP A 178 35.54 -26.57 -8.73
CA ASP A 178 35.07 -27.72 -9.54
C ASP A 178 33.65 -28.14 -9.18
N ARG A 179 33.28 -27.93 -7.93
CA ARG A 179 31.95 -28.41 -7.48
C ARG A 179 31.21 -27.34 -6.67
N TYR A 180 29.89 -27.44 -6.69
CA TYR A 180 29.05 -26.56 -5.87
C TYR A 180 28.94 -27.17 -4.51
N PRO A 181 28.55 -26.38 -3.49
CA PRO A 181 28.29 -26.93 -2.17
C PRO A 181 26.98 -27.69 -2.22
N PRO A 182 26.62 -28.42 -1.15
CA PRO A 182 25.30 -29.07 -1.07
C PRO A 182 24.24 -28.00 -1.16
N PHE A 183 23.21 -28.27 -1.96
CA PHE A 183 22.10 -27.30 -2.04
C PHE A 183 20.80 -28.01 -2.46
N CYS A 184 19.71 -27.28 -2.32
CA CYS A 184 18.40 -27.82 -2.74
C CYS A 184 17.87 -27.03 -3.96
N SER A 185 17.19 -27.72 -4.86
CA SER A 185 16.61 -27.05 -6.05
C SER A 185 15.83 -25.79 -5.62
N GLY A 186 16.02 -24.68 -6.33
CA GLY A 186 15.24 -23.46 -6.09
C GLY A 186 13.79 -23.57 -6.53
N THR A 187 13.44 -24.63 -7.24
CA THR A 187 12.03 -24.86 -7.59
C THR A 187 11.19 -24.78 -6.34
N GLY A 188 11.73 -25.27 -5.22
CA GLY A 188 11.00 -25.28 -3.95
C GLY A 188 11.79 -25.84 -2.79
N TYR A 189 12.11 -25.01 -1.80
CA TYR A 189 12.86 -25.44 -0.59
C TYR A 189 12.19 -24.89 0.66
N VAL A 190 12.32 -25.63 1.76
CA VAL A 190 11.65 -25.26 3.03
C VAL A 190 12.70 -25.19 4.16
N PHE A 191 12.51 -24.25 5.06
CA PHE A 191 13.45 -24.06 6.19
C PHE A 191 12.70 -23.56 7.41
N SER A 192 13.19 -23.95 8.59
CA SER A 192 12.62 -23.35 9.81
C SER A 192 12.93 -21.86 9.82
N GLY A 193 12.02 -21.09 10.44
CA GLY A 193 12.07 -19.64 10.30
C GLY A 193 13.34 -19.01 10.86
N ASP A 194 14.00 -19.67 11.82
CA ASP A 194 15.29 -19.18 12.41
C ASP A 194 16.40 -19.12 11.37
N VAL A 195 16.44 -20.06 10.43
CA VAL A 195 17.51 -20.13 9.40
C VAL A 195 17.57 -18.82 8.60
N ALA A 196 16.42 -18.21 8.35
CA ALA A 196 16.39 -16.96 7.55
C ALA A 196 17.29 -15.88 8.18
N SER A 197 17.20 -15.73 9.50
CA SER A 197 18.01 -14.70 10.19
C SER A 197 19.50 -15.04 10.06
N GLN A 198 19.86 -16.30 10.27
CA GLN A 198 21.26 -16.74 10.17
C GLN A 198 21.76 -16.50 8.72
N VAL A 199 20.95 -16.82 7.72
CA VAL A 199 21.42 -16.69 6.31
C VAL A 199 21.61 -15.18 6.00
N TYR A 200 20.70 -14.34 6.47
CA TYR A 200 20.80 -12.88 6.21
C TYR A 200 22.07 -12.33 6.87
N ASN A 201 22.33 -12.76 8.10
CA ASN A 201 23.52 -12.26 8.85
C ASN A 201 24.81 -12.65 8.13
N VAL A 202 24.88 -13.83 7.55
CA VAL A 202 26.15 -14.32 6.96
C VAL A 202 26.20 -14.05 5.44
N SER A 203 25.09 -13.64 4.85
CA SER A 203 24.99 -13.46 3.37
C SER A 203 26.07 -12.51 2.84
N LYS A 204 26.31 -11.42 3.53
CA LYS A 204 27.25 -10.44 2.97
C LYS A 204 28.70 -10.91 3.03
N SER A 205 29.01 -12.01 3.74
CA SER A 205 30.38 -12.48 3.83
C SER A 205 30.64 -13.74 3.00
N VAL A 206 29.65 -14.20 2.26
CA VAL A 206 29.72 -15.41 1.46
C VAL A 206 29.91 -15.01 -0.01
N PRO A 207 30.82 -15.65 -0.74
CA PRO A 207 31.04 -15.26 -2.15
C PRO A 207 29.73 -15.29 -2.92
N TYR A 208 29.47 -14.20 -3.64
CA TYR A 208 28.22 -14.08 -4.40
C TYR A 208 28.21 -14.98 -5.61
N ILE A 209 27.04 -15.50 -5.90
CA ILE A 209 26.82 -16.25 -7.15
C ILE A 209 25.40 -15.97 -7.60
N LYS A 210 25.19 -15.83 -8.90
CA LYS A 210 23.87 -15.44 -9.48
C LYS A 210 22.80 -16.56 -9.42
N LEU A 211 23.20 -17.80 -9.16
CA LEU A 211 22.19 -18.84 -8.98
C LEU A 211 21.73 -18.85 -7.53
N GLU A 212 20.46 -18.55 -7.30
CA GLU A 212 20.01 -18.30 -5.93
C GLU A 212 20.10 -19.55 -5.06
N ASP A 213 19.67 -20.70 -5.55
CA ASP A 213 19.69 -21.89 -4.69
C ASP A 213 21.12 -22.29 -4.33
N VAL A 214 22.08 -22.10 -5.25
CA VAL A 214 23.49 -22.32 -4.93
C VAL A 214 23.96 -21.34 -3.86
N PHE A 215 23.54 -20.07 -3.95
CA PHE A 215 24.03 -19.09 -2.99
C PHE A 215 23.55 -19.42 -1.58
N VAL A 216 22.26 -19.73 -1.44
CA VAL A 216 21.74 -20.19 -0.16
C VAL A 216 22.55 -21.38 0.33
N GLY A 217 22.88 -22.31 -0.57
CA GLY A 217 23.72 -23.43 -0.18
C GLY A 217 25.06 -23.00 0.41
N LEU A 218 25.73 -22.02 -0.22
CA LEU A 218 26.99 -21.51 0.32
C LEU A 218 26.82 -20.96 1.72
N CYS A 219 25.73 -20.21 1.96
CA CYS A 219 25.44 -19.70 3.29
C CYS A 219 25.21 -20.84 4.28
N LEU A 220 24.37 -21.80 3.91
CA LEU A 220 24.10 -22.92 4.80
C LEU A 220 25.38 -23.66 5.15
N GLU A 221 26.26 -23.83 4.17
CA GLU A 221 27.55 -24.45 4.43
C GLU A 221 28.36 -23.63 5.43
N ARG A 222 28.35 -22.30 5.28
CA ARG A 222 29.08 -21.44 6.22
C ARG A 222 28.53 -21.57 7.64
N LEU A 223 27.22 -21.75 7.78
CA LEU A 223 26.56 -21.83 9.10
C LEU A 223 26.55 -23.26 9.67
N ASN A 224 27.12 -24.23 8.95
CA ASN A 224 27.15 -25.62 9.41
C ASN A 224 25.75 -26.21 9.57
N ILE A 225 24.81 -25.74 8.75
CA ILE A 225 23.43 -26.29 8.72
C ILE A 225 23.39 -27.35 7.62
N ARG A 226 23.17 -28.61 7.97
CA ARG A 226 23.15 -29.68 6.96
C ARG A 226 21.76 -29.85 6.34
N LEU A 227 21.75 -30.28 5.08
CA LEU A 227 20.51 -30.54 4.36
C LEU A 227 19.92 -31.89 4.75
N GLU A 228 18.61 -31.91 5.02
CA GLU A 228 17.89 -33.12 5.43
C GLU A 228 16.77 -33.45 4.44
N GLU A 229 16.55 -34.75 4.25
CA GLU A 229 15.42 -35.22 3.44
C GLU A 229 14.15 -35.04 4.27
N LEU A 230 13.07 -34.57 3.65
CA LEU A 230 11.83 -34.31 4.38
C LEU A 230 11.15 -35.60 4.80
N HIS A 231 11.29 -36.66 4.02
CA HIS A 231 10.49 -37.87 4.22
C HIS A 231 11.29 -39.05 3.67
N SER A 232 10.88 -40.26 4.05
CA SER A 232 11.57 -41.46 3.57
C SER A 232 11.33 -41.71 2.09
N GLN A 233 10.27 -41.13 1.52
CA GLN A 233 9.97 -41.16 0.10
C GLN A 233 10.25 -39.79 -0.51
N PRO A 234 10.62 -39.72 -1.81
CA PRO A 234 10.79 -38.42 -2.49
C PRO A 234 9.48 -37.65 -2.50
N THR A 235 9.56 -36.34 -2.26
CA THR A 235 8.38 -35.51 -2.27
C THR A 235 8.55 -34.20 -3.06
N PHE A 236 9.78 -33.90 -3.45
CA PHE A 236 10.05 -32.71 -4.30
C PHE A 236 10.41 -33.24 -5.66
N PHE A 237 9.80 -32.68 -6.70
CA PHE A 237 10.02 -33.21 -8.07
C PHE A 237 10.35 -32.06 -9.01
N PRO A 238 11.61 -31.57 -9.01
CA PRO A 238 12.01 -30.53 -9.98
C PRO A 238 11.89 -30.97 -11.42
N GLY A 239 11.94 -32.28 -11.69
CA GLY A 239 11.84 -32.75 -13.07
C GLY A 239 10.41 -32.89 -13.61
N GLY A 240 9.40 -32.68 -12.78
CA GLY A 240 8.03 -32.87 -13.19
C GLY A 240 7.58 -34.30 -12.98
N LEU A 241 6.27 -34.49 -13.10
CA LEU A 241 5.66 -35.80 -12.81
C LEU A 241 4.43 -36.01 -13.71
N ARG A 242 4.14 -37.27 -14.03
CA ARG A 242 2.86 -37.56 -14.73
C ARG A 242 1.78 -37.39 -13.66
N PHE A 243 0.73 -36.66 -13.98
CA PHE A 243 -0.30 -36.33 -12.98
C PHE A 243 -1.26 -37.45 -12.67
N SER A 244 -1.55 -37.62 -11.39
CA SER A 244 -2.61 -38.52 -10.91
C SER A 244 -3.05 -37.88 -9.60
N VAL A 245 -4.34 -37.87 -9.32
CA VAL A 245 -4.84 -37.31 -8.04
C VAL A 245 -4.16 -38.06 -6.88
N CYS A 246 -3.89 -39.34 -7.05
CA CYS A 246 -3.36 -40.16 -5.93
C CYS A 246 -1.89 -39.79 -5.69
N LEU A 247 -1.12 -39.58 -6.75
CA LEU A 247 0.29 -39.14 -6.61
C LEU A 247 0.36 -37.72 -6.01
N PHE A 248 -0.49 -36.80 -6.43
CA PHE A 248 -0.37 -35.38 -6.00
C PHE A 248 -0.90 -35.24 -4.57
N ARG A 249 -1.60 -36.25 -4.07
CA ARG A 249 -2.04 -36.23 -2.66
C ARG A 249 -0.84 -36.66 -1.78
N ARG A 250 0.17 -37.30 -2.36
CA ARG A 250 1.32 -37.80 -1.57
C ARG A 250 2.64 -37.18 -2.03
N ILE A 251 2.61 -35.93 -2.50
CA ILE A 251 3.86 -35.20 -2.88
C ILE A 251 3.80 -33.81 -2.24
N VAL A 252 4.93 -33.11 -2.24
CA VAL A 252 4.95 -31.73 -1.76
C VAL A 252 5.00 -30.73 -2.91
N ALA A 253 5.83 -30.98 -3.93
CA ALA A 253 6.05 -29.97 -4.94
C ALA A 253 6.36 -30.62 -6.27
N CYS A 254 5.79 -30.04 -7.33
CA CYS A 254 6.00 -30.50 -8.68
C CYS A 254 6.23 -29.30 -9.60
N HIS A 255 7.30 -29.39 -10.38
CA HIS A 255 7.68 -28.30 -11.33
C HIS A 255 7.10 -28.54 -12.73
N PHE A 256 7.28 -27.58 -13.63
CA PHE A 256 6.79 -27.64 -15.05
C PHE A 256 5.27 -27.56 -15.08
N ILE A 257 4.71 -26.63 -14.33
CA ILE A 257 3.23 -26.51 -14.22
C ILE A 257 2.83 -25.10 -14.68
N LYS A 258 2.21 -25.00 -15.85
CA LYS A 258 1.78 -23.67 -16.26
C LYS A 258 0.43 -23.32 -15.63
N PRO A 259 0.05 -22.03 -15.62
CA PRO A 259 -1.16 -21.61 -14.88
C PRO A 259 -2.43 -22.38 -15.20
N ARG A 260 -2.76 -22.54 -16.47
CA ARG A 260 -3.95 -23.29 -16.83
C ARG A 260 -3.86 -24.71 -16.28
N THR A 261 -2.68 -25.35 -16.38
CA THR A 261 -2.52 -26.68 -15.84
C THR A 261 -2.72 -26.67 -14.32
N LEU A 262 -2.24 -25.66 -13.61
CA LEU A 262 -2.35 -25.61 -12.13
C LEU A 262 -3.84 -25.64 -11.74
N LEU A 263 -4.66 -24.84 -12.42
CA LEU A 263 -6.10 -24.76 -12.10
C LEU A 263 -6.82 -26.10 -12.38
N ASP A 264 -6.49 -26.77 -13.48
CA ASP A 264 -7.09 -28.09 -13.83
C ASP A 264 -6.73 -29.12 -12.75
N TYR A 265 -5.49 -29.07 -12.26
CA TYR A 265 -5.03 -30.05 -11.24
C TYR A 265 -5.76 -29.79 -9.92
N TRP A 266 -5.92 -28.51 -9.57
CA TRP A 266 -6.60 -28.14 -8.31
C TRP A 266 -8.07 -28.52 -8.39
N GLN A 267 -8.67 -28.34 -9.57
CA GLN A 267 -10.08 -28.74 -9.79
C GLN A 267 -10.18 -30.27 -9.67
N ALA A 268 -9.18 -30.98 -10.19
CA ALA A 268 -9.15 -32.45 -10.11
C ALA A 268 -9.12 -32.91 -8.65
N LEU A 269 -8.27 -32.30 -7.84
CA LEU A 269 -8.14 -32.69 -6.41
C LEU A 269 -9.42 -32.26 -5.68
N GLU A 270 -9.98 -31.12 -6.06
CA GLU A 270 -11.27 -30.69 -5.48
C GLU A 270 -12.38 -31.64 -6.00
N ASN A 271 -12.36 -32.01 -7.28
CA ASN A 271 -13.43 -32.89 -7.74
C ASN A 271 -13.37 -34.25 -7.07
N SER A 272 -12.18 -34.68 -6.65
CA SER A 272 -11.96 -36.07 -6.15
C SER A 272 -11.81 -36.18 -4.63
N ARG A 273 -12.06 -35.11 -3.89
CA ARG A 273 -12.00 -35.17 -2.42
C ARG A 273 -13.10 -36.15 -1.96
N GLY A 274 -12.77 -37.05 -1.07
CA GLY A 274 -13.80 -38.04 -0.69
C GLY A 274 -13.51 -39.38 -1.31
N GLU A 275 -12.92 -39.39 -2.48
CA GLU A 275 -12.52 -40.70 -3.04
C GLU A 275 -11.32 -41.17 -2.23
N ASP A 276 -11.21 -42.47 -2.04
CA ASP A 276 -9.99 -42.99 -1.37
C ASP A 276 -8.97 -43.31 -2.45
N CYS A 277 -7.76 -43.64 -2.05
CA CYS A 277 -6.70 -43.87 -3.05
C CYS A 277 -5.95 -45.14 -2.64
N PRO A 278 -5.55 -46.01 -3.58
CA PRO A 278 -4.72 -47.21 -3.27
C PRO A 278 -3.48 -46.79 -2.49
N GLY B 12 4.79 35.14 -0.99
CA GLY B 12 5.54 34.24 -0.09
C GLY B 12 6.13 33.06 -0.83
N ASN B 13 6.38 33.19 -2.14
CA ASN B 13 7.05 32.12 -2.93
C ASN B 13 6.02 31.15 -3.50
N PHE B 14 5.12 31.63 -4.36
CA PHE B 14 4.03 30.76 -4.88
C PHE B 14 4.13 30.64 -6.39
N LEU B 15 4.71 29.54 -6.87
CA LEU B 15 4.82 29.26 -8.32
C LEU B 15 3.55 29.67 -9.05
N LYS B 16 2.37 29.39 -8.48
CA LYS B 16 1.13 29.70 -9.21
C LYS B 16 0.07 30.21 -8.22
N LEU B 17 -0.50 31.39 -8.50
CA LEU B 17 -1.47 31.97 -7.59
C LEU B 17 -2.80 32.16 -8.28
N PRO B 18 -3.90 31.86 -7.61
CA PRO B 18 -5.21 32.18 -8.19
C PRO B 18 -5.36 33.69 -8.24
N ASP B 19 -5.91 34.16 -9.36
CA ASP B 19 -6.10 35.59 -9.61
C ASP B 19 -7.35 36.06 -8.86
N THR B 20 -7.16 36.39 -7.58
CA THR B 20 -8.25 36.83 -6.74
C THR B 20 -7.81 38.02 -5.90
N ASP B 21 -8.80 38.81 -5.46
CA ASP B 21 -8.60 39.90 -4.52
C ASP B 21 -9.70 39.76 -3.48
N CYS B 22 -9.41 39.01 -2.42
CA CYS B 22 -10.38 38.79 -1.37
C CYS B 22 -10.72 40.06 -0.61
N ARG B 23 -9.95 41.13 -0.79
CA ARG B 23 -10.22 42.37 -0.06
C ARG B 23 -11.44 43.09 -0.62
N GLN B 24 -11.56 43.13 -1.96
CA GLN B 24 -12.74 43.70 -2.61
C GLN B 24 -13.99 42.88 -2.32
N THR B 25 -13.95 41.59 -2.63
CA THR B 25 -15.09 40.68 -2.50
C THR B 25 -14.70 39.58 -1.52
N PRO B 26 -14.83 39.82 -0.21
CA PRO B 26 -14.46 38.80 0.78
C PRO B 26 -15.34 37.57 0.67
N PRO B 27 -14.75 36.41 0.39
CA PRO B 27 -15.57 35.19 0.25
C PRO B 27 -16.12 34.73 1.59
N PHE B 28 -17.28 34.05 1.53
CA PHE B 28 -17.83 33.47 2.75
C PHE B 28 -17.21 32.12 3.05
N LEU B 29 -17.06 31.29 2.03
CA LEU B 29 -16.50 29.95 2.16
C LEU B 29 -15.42 29.81 1.10
N VAL B 30 -14.21 29.45 1.53
CA VAL B 30 -13.13 29.15 0.62
C VAL B 30 -12.87 27.67 0.72
N LEU B 31 -12.93 26.96 -0.41
CA LEU B 31 -12.61 25.54 -0.48
C LEU B 31 -11.19 25.38 -1.00
N LEU B 32 -10.36 24.67 -0.25
CA LEU B 32 -8.99 24.33 -0.66
C LEU B 32 -8.94 22.82 -0.88
N VAL B 33 -8.64 22.40 -2.10
CA VAL B 33 -8.79 21.01 -2.52
C VAL B 33 -7.42 20.43 -2.84
N THR B 34 -7.12 19.30 -2.24
CA THR B 34 -5.86 18.62 -2.53
C THR B 34 -6.05 17.59 -3.65
N SER B 35 -5.09 17.54 -4.56
CA SER B 35 -5.08 16.50 -5.59
C SER B 35 -3.69 16.42 -6.18
N SER B 36 -3.35 15.22 -6.68
CA SER B 36 -2.07 15.04 -7.36
C SER B 36 -2.19 15.48 -8.82
N HIS B 37 -1.04 15.59 -9.48
CA HIS B 37 -1.02 16.14 -10.84
C HIS B 37 -1.84 15.28 -11.80
N LYS B 38 -1.65 13.96 -11.76
CA LYS B 38 -2.32 13.12 -12.74
C LYS B 38 -3.82 12.99 -12.50
N GLN B 39 -4.35 13.55 -11.41
CA GLN B 39 -5.78 13.48 -11.12
C GLN B 39 -6.56 14.61 -11.79
N LEU B 40 -6.38 14.77 -13.11
CA LEU B 40 -7.15 15.76 -13.84
C LEU B 40 -8.64 15.43 -13.83
N ALA B 41 -8.98 14.14 -13.86
CA ALA B 41 -10.38 13.74 -13.84
C ALA B 41 -11.09 14.26 -12.59
N GLU B 42 -10.46 14.09 -11.43
CA GLU B 42 -11.04 14.56 -10.18
C GLU B 42 -11.26 16.07 -10.21
N ARG B 43 -10.23 16.84 -10.57
CA ARG B 43 -10.37 18.29 -10.49
C ARG B 43 -11.45 18.79 -11.44
N MET B 44 -11.58 18.17 -12.62
CA MET B 44 -12.64 18.56 -13.53
C MET B 44 -14.01 18.22 -12.97
N ALA B 45 -14.14 17.04 -12.38
CA ALA B 45 -15.44 16.63 -11.81
C ALA B 45 -15.86 17.64 -10.75
N ILE B 46 -14.93 17.99 -9.85
CA ILE B 46 -15.25 18.95 -8.75
C ILE B 46 -15.66 20.29 -9.38
N ARG B 47 -14.92 20.75 -10.38
CA ARG B 47 -15.20 22.07 -11.03
C ARG B 47 -16.61 22.09 -11.64
N GLN B 48 -17.11 20.95 -12.07
CA GLN B 48 -18.45 20.88 -12.70
C GLN B 48 -19.50 20.45 -11.66
N THR B 49 -19.07 20.16 -10.44
CA THR B 49 -20.03 19.81 -9.37
C THR B 49 -19.98 20.79 -8.23
N TRP B 50 -19.41 20.40 -7.09
CA TRP B 50 -19.47 21.24 -5.87
C TRP B 50 -18.42 22.36 -5.83
N GLY B 51 -17.45 22.33 -6.74
CA GLY B 51 -16.40 23.35 -6.75
C GLY B 51 -16.78 24.52 -7.65
N LYS B 52 -17.91 24.40 -8.35
CA LYS B 52 -18.38 25.50 -9.22
C LYS B 52 -18.60 26.74 -8.36
N GLU B 53 -17.78 27.76 -8.58
CA GLU B 53 -17.93 28.99 -7.79
C GLU B 53 -19.27 29.65 -8.09
N ARG B 54 -19.89 30.12 -7.01
CA ARG B 54 -21.24 30.70 -7.16
C ARG B 54 -21.66 31.40 -5.88
N MET B 55 -22.82 32.03 -5.92
CA MET B 55 -23.42 32.65 -4.75
C MET B 55 -24.36 31.67 -4.08
N VAL B 56 -24.18 31.46 -2.77
CA VAL B 56 -25.03 30.58 -2.00
C VAL B 56 -25.76 31.42 -0.96
N LYS B 57 -27.07 31.62 -1.15
CA LYS B 57 -27.85 32.43 -0.23
C LYS B 57 -27.21 33.80 -0.03
N GLY B 58 -26.70 34.38 -1.10
CA GLY B 58 -26.00 35.65 -0.98
C GLY B 58 -24.62 35.58 -0.35
N LYS B 59 -24.03 34.39 -0.22
CA LYS B 59 -22.69 34.19 0.32
C LYS B 59 -21.76 33.67 -0.77
N GLN B 60 -20.61 34.32 -0.94
CA GLN B 60 -19.68 33.97 -2.01
C GLN B 60 -18.87 32.72 -1.68
N LEU B 61 -18.77 31.81 -2.65
CA LEU B 61 -18.01 30.57 -2.55
C LEU B 61 -16.83 30.56 -3.52
N LYS B 62 -15.64 30.25 -3.01
CA LYS B 62 -14.45 30.16 -3.84
C LYS B 62 -13.82 28.79 -3.70
N THR B 63 -13.25 28.30 -4.80
CA THR B 63 -12.68 26.96 -4.90
C THR B 63 -11.29 27.02 -5.52
N PHE B 64 -10.31 26.47 -4.82
CA PHE B 64 -8.94 26.43 -5.26
C PHE B 64 -8.36 25.03 -5.08
N PHE B 65 -7.42 24.68 -5.95
CA PHE B 65 -6.77 23.39 -5.90
C PHE B 65 -5.31 23.59 -5.50
N LEU B 66 -4.89 22.85 -4.48
CA LEU B 66 -3.52 22.91 -3.99
C LEU B 66 -2.66 21.92 -4.75
N LEU B 67 -1.54 22.42 -5.31
CA LEU B 67 -0.61 21.56 -6.03
C LEU B 67 0.82 21.87 -5.62
N GLY B 68 1.64 20.83 -5.61
CA GLY B 68 3.09 20.95 -5.52
C GLY B 68 3.72 20.91 -6.89
N THR B 69 4.89 20.26 -6.99
CA THR B 69 5.58 20.07 -8.25
C THR B 69 5.80 18.57 -8.50
N THR B 70 5.98 18.23 -9.77
CA THR B 70 6.16 16.81 -10.16
C THR B 70 7.31 16.70 -11.12
N SER B 71 8.00 15.57 -11.09
CA SER B 71 9.09 15.32 -12.06
C SER B 71 8.53 15.36 -13.48
N SER B 72 7.51 14.56 -13.77
CA SER B 72 6.94 14.48 -15.14
C SER B 72 6.74 15.86 -15.73
N ALA B 73 7.27 16.09 -16.93
CA ALA B 73 7.05 17.38 -17.62
C ALA B 73 5.70 17.28 -18.31
N ALA B 74 5.37 16.10 -18.82
CA ALA B 74 4.05 15.91 -19.45
C ALA B 74 2.99 16.33 -18.42
N GLU B 75 3.09 15.76 -17.22
CA GLU B 75 2.17 16.20 -16.14
C GLU B 75 2.37 17.71 -15.93
N THR B 76 3.60 18.15 -15.73
CA THR B 76 3.83 19.57 -15.43
C THR B 76 3.15 20.39 -16.51
N LYS B 77 3.41 20.04 -17.78
CA LYS B 77 2.82 20.81 -18.91
C LYS B 77 1.31 20.90 -18.69
N GLU B 78 0.66 19.74 -18.65
CA GLU B 78 -0.81 19.70 -18.45
C GLU B 78 -1.21 20.68 -17.34
N VAL B 79 -0.61 20.57 -16.16
CA VAL B 79 -1.03 21.42 -15.01
C VAL B 79 -0.94 22.91 -15.39
N ASP B 80 0.12 23.31 -16.09
CA ASP B 80 0.25 24.77 -16.37
C ASP B 80 -0.84 25.18 -17.36
N GLN B 81 -1.22 24.26 -18.25
CA GLN B 81 -2.34 24.54 -19.19
C GLN B 81 -3.64 24.57 -18.39
N GLU B 82 -3.78 23.66 -17.43
CA GLU B 82 -4.95 23.68 -16.54
C GLU B 82 -4.96 25.01 -15.80
N SER B 83 -3.81 25.38 -15.22
CA SER B 83 -3.73 26.71 -14.56
C SER B 83 -4.16 27.76 -15.57
N GLN B 84 -3.52 27.76 -16.74
CA GLN B 84 -3.84 28.79 -17.74
C GLN B 84 -5.34 28.78 -18.00
N ARG B 85 -5.90 27.59 -18.16
CA ARG B 85 -7.33 27.58 -18.51
C ARG B 85 -8.18 28.05 -17.35
N HIS B 86 -7.75 27.78 -16.11
CA HIS B 86 -8.65 27.95 -14.97
C HIS B 86 -8.17 28.96 -13.94
N GLY B 87 -6.87 29.18 -13.80
CA GLY B 87 -6.41 30.22 -12.88
C GLY B 87 -6.84 30.03 -11.44
N ASP B 88 -7.09 28.78 -11.02
CA ASP B 88 -7.59 28.47 -9.69
C ASP B 88 -6.63 27.56 -8.93
N ILE B 89 -5.35 27.59 -9.29
CA ILE B 89 -4.35 26.71 -8.70
C ILE B 89 -3.48 27.50 -7.73
N ILE B 90 -3.17 26.87 -6.59
CA ILE B 90 -2.22 27.37 -5.62
C ILE B 90 -1.06 26.38 -5.61
N GLN B 91 0.14 26.85 -5.92
CA GLN B 91 1.26 25.89 -6.05
C GLN B 91 2.54 26.47 -5.45
N LYS B 92 3.27 25.65 -4.71
CA LYS B 92 4.59 26.08 -4.20
C LYS B 92 5.58 25.00 -4.66
N ASP B 93 6.87 25.23 -4.52
CA ASP B 93 7.87 24.28 -5.06
C ASP B 93 8.25 23.21 -4.04
N PHE B 94 7.36 22.23 -3.87
CA PHE B 94 7.65 21.06 -2.99
C PHE B 94 7.23 19.83 -3.78
N LEU B 95 7.95 18.73 -3.58
CA LEU B 95 7.61 17.48 -4.28
C LEU B 95 6.20 17.05 -3.85
N ASP B 96 5.28 16.98 -4.80
CA ASP B 96 3.89 16.63 -4.50
C ASP B 96 3.74 15.11 -4.41
N VAL B 97 3.96 14.62 -3.18
CA VAL B 97 3.79 13.18 -2.90
C VAL B 97 2.98 13.08 -1.60
N TYR B 98 2.47 11.90 -1.28
CA TYR B 98 1.57 11.77 -0.10
C TYR B 98 2.28 12.22 1.16
N TYR B 99 3.61 12.03 1.23
CA TYR B 99 4.32 12.32 2.51
C TYR B 99 4.66 13.80 2.62
N ASN B 100 4.23 14.61 1.65
CA ASN B 100 4.45 16.08 1.71
C ASN B 100 3.08 16.76 1.81
N LEU B 101 2.07 16.04 2.32
CA LEU B 101 0.70 16.60 2.43
C LEU B 101 0.64 17.66 3.56
N THR B 102 1.46 17.54 4.59
CA THR B 102 1.49 18.57 5.63
C THR B 102 1.97 19.84 4.99
N LEU B 103 2.91 19.75 4.05
CA LEU B 103 3.37 20.95 3.29
C LEU B 103 2.20 21.47 2.45
N LYS B 104 1.54 20.61 1.69
CA LYS B 104 0.35 21.03 0.91
C LYS B 104 -0.66 21.72 1.84
N THR B 105 -0.93 21.14 3.01
CA THR B 105 -1.93 21.77 3.87
C THR B 105 -1.43 23.10 4.41
N MET B 106 -0.18 23.14 4.87
CA MET B 106 0.39 24.40 5.34
C MET B 106 0.50 25.42 4.21
N MET B 107 0.68 24.97 2.95
CA MET B 107 0.65 25.91 1.83
C MET B 107 -0.72 26.59 1.73
N GLY B 108 -1.79 25.81 1.77
CA GLY B 108 -3.13 26.40 1.71
C GLY B 108 -3.41 27.32 2.89
N ILE B 109 -2.99 26.92 4.09
CA ILE B 109 -3.21 27.77 5.26
C ILE B 109 -2.43 29.07 5.13
N GLU B 110 -1.17 29.00 4.69
CA GLU B 110 -0.39 30.20 4.44
C GLU B 110 -1.05 31.09 3.39
N TRP B 111 -1.60 30.49 2.33
CA TRP B 111 -2.28 31.29 1.32
C TRP B 111 -3.48 32.03 1.92
N VAL B 112 -4.28 31.33 2.73
CA VAL B 112 -5.40 32.00 3.39
C VAL B 112 -4.90 33.15 4.26
N HIS B 113 -3.81 32.92 4.98
CA HIS B 113 -3.33 33.94 5.91
C HIS B 113 -2.75 35.15 5.17
N ARG B 114 -2.15 34.95 4.00
CA ARG B 114 -1.52 36.05 3.28
C ARG B 114 -2.46 36.77 2.32
N PHE B 115 -3.30 36.03 1.58
CA PHE B 115 -4.04 36.61 0.47
C PHE B 115 -5.56 36.53 0.61
N CYS B 116 -6.08 35.98 1.71
CA CYS B 116 -7.52 35.92 1.85
C CYS B 116 -7.95 35.83 3.31
N PRO B 117 -7.36 36.61 4.21
CA PRO B 117 -7.77 36.55 5.62
C PRO B 117 -9.19 37.04 5.86
N GLN B 118 -9.83 37.64 4.87
CA GLN B 118 -11.20 38.10 5.03
C GLN B 118 -12.21 36.98 4.89
N ALA B 119 -11.81 35.83 4.35
CA ALA B 119 -12.74 34.70 4.24
C ALA B 119 -13.35 34.41 5.60
N ALA B 120 -14.68 34.32 5.65
CA ALA B 120 -15.35 33.97 6.89
C ALA B 120 -14.99 32.55 7.32
N PHE B 121 -14.99 31.61 6.36
CA PHE B 121 -14.75 30.21 6.66
C PHE B 121 -13.93 29.58 5.55
N VAL B 122 -13.13 28.59 5.94
CA VAL B 122 -12.25 27.87 5.02
C VAL B 122 -12.47 26.38 5.24
N MET B 123 -12.56 25.65 4.13
CA MET B 123 -12.69 24.17 4.21
C MET B 123 -11.55 23.51 3.43
N LYS B 124 -10.72 22.73 4.11
CA LYS B 124 -9.65 21.95 3.42
C LYS B 124 -10.27 20.58 3.10
N THR B 125 -10.20 20.16 1.86
CA THR B 125 -10.84 18.89 1.50
C THR B 125 -10.01 18.08 0.54
N ASP B 126 -10.32 16.81 0.47
CA ASP B 126 -9.69 15.91 -0.48
C ASP B 126 -10.47 15.88 -1.80
N SER B 127 -9.86 15.28 -2.81
CA SER B 127 -10.46 15.29 -4.14
C SER B 127 -11.48 14.16 -4.35
N ASP B 128 -11.44 13.12 -3.54
CA ASP B 128 -12.36 11.99 -3.67
C ASP B 128 -13.54 12.13 -2.72
N MET B 129 -14.17 13.31 -2.80
CA MET B 129 -15.17 13.75 -1.83
C MET B 129 -16.40 14.27 -2.55
N PHE B 130 -17.54 14.10 -1.91
CA PHE B 130 -18.73 14.90 -2.24
C PHE B 130 -18.89 15.94 -1.14
N ILE B 131 -19.06 17.20 -1.52
CA ILE B 131 -19.27 18.28 -0.56
C ILE B 131 -20.60 18.95 -0.89
N ASN B 132 -21.48 19.02 0.10
CA ASN B 132 -22.73 19.76 -0.04
C ASN B 132 -22.53 21.16 0.50
N VAL B 133 -22.16 22.09 -0.39
CA VAL B 133 -21.88 23.44 0.05
C VAL B 133 -23.13 24.16 0.53
N ASP B 134 -24.31 23.83 -0.02
CA ASP B 134 -25.53 24.49 0.42
C ASP B 134 -25.89 24.13 1.86
N TYR B 135 -25.78 22.86 2.23
CA TYR B 135 -26.06 22.50 3.61
C TYR B 135 -24.96 22.98 4.55
N LEU B 136 -23.71 22.99 4.09
CA LEU B 136 -22.65 23.48 4.95
C LEU B 136 -22.87 24.95 5.29
N THR B 137 -23.20 25.76 4.30
CA THR B 137 -23.45 27.18 4.53
C THR B 137 -24.59 27.39 5.53
N GLU B 138 -25.70 26.68 5.34
CA GLU B 138 -26.81 26.79 6.29
C GLU B 138 -26.37 26.42 7.70
N LEU B 139 -25.58 25.35 7.84
CA LEU B 139 -25.12 24.93 9.17
C LEU B 139 -24.12 25.91 9.76
N LEU B 140 -23.29 26.54 8.93
CA LEU B 140 -22.33 27.52 9.44
C LEU B 140 -23.05 28.77 9.95
N LEU B 141 -24.07 29.23 9.24
CA LEU B 141 -24.83 30.37 9.72
C LEU B 141 -25.58 30.04 11.01
N LYS B 142 -26.16 28.84 11.09
CA LYS B 142 -26.88 28.47 12.31
C LYS B 142 -25.95 28.24 13.50
N LYS B 143 -24.70 27.85 13.26
CA LYS B 143 -23.77 27.61 14.37
C LYS B 143 -23.24 28.92 14.88
N ASN B 144 -23.14 29.93 14.03
CA ASN B 144 -22.80 31.31 14.51
C ASN B 144 -21.53 31.30 15.35
N ARG B 145 -20.52 30.53 14.93
CA ARG B 145 -19.22 30.56 15.60
C ARG B 145 -18.23 31.06 14.55
N THR B 146 -17.83 32.31 14.67
CA THR B 146 -17.08 32.99 13.62
C THR B 146 -15.63 33.26 13.96
N THR B 147 -15.19 32.97 15.18
CA THR B 147 -13.80 33.09 15.54
C THR B 147 -13.37 31.83 16.28
N ARG B 148 -12.09 31.50 16.15
CA ARG B 148 -11.50 30.35 16.85
C ARG B 148 -12.39 29.11 16.73
N PHE B 149 -12.87 28.87 15.53
CA PHE B 149 -13.81 27.78 15.26
C PHE B 149 -13.13 26.74 14.35
N PHE B 150 -13.24 25.48 14.72
CA PHE B 150 -12.64 24.39 13.96
C PHE B 150 -13.53 23.17 14.10
N THR B 151 -13.99 22.61 12.99
CA THR B 151 -14.90 21.46 13.03
C THR B 151 -14.61 20.51 11.88
N GLY B 152 -15.24 19.33 11.96
CA GLY B 152 -15.10 18.31 10.92
C GLY B 152 -15.54 16.97 11.48
N PHE B 153 -14.85 15.88 11.13
CA PHE B 153 -15.13 14.56 11.76
C PHE B 153 -14.14 14.48 12.90
N LEU B 154 -14.65 14.57 14.12
CA LEU B 154 -13.77 14.63 15.30
C LEU B 154 -13.15 13.26 15.63
N LYS B 155 -11.82 13.21 15.71
CA LYS B 155 -11.09 11.98 16.11
C LYS B 155 -10.36 12.35 17.41
N LEU B 156 -10.86 11.89 18.57
CA LEU B 156 -10.33 12.39 19.87
C LEU B 156 -9.39 11.41 20.61
N ASN B 157 -9.46 10.11 20.37
CA ASN B 157 -8.49 9.21 21.05
C ASN B 157 -7.76 8.35 20.03
N GLU B 158 -7.02 9.00 19.12
CA GLU B 158 -6.28 8.27 18.09
C GLU B 158 -4.89 7.87 18.63
N PHE B 159 -4.34 6.79 18.10
CA PHE B 159 -3.02 6.30 18.55
C PHE B 159 -2.16 6.18 17.31
N PRO B 160 -0.89 6.58 17.40
CA PRO B 160 0.05 6.45 16.26
C PRO B 160 0.09 5.02 15.73
N ILE B 161 0.14 4.86 14.41
CA ILE B 161 0.21 3.52 13.76
C ILE B 161 1.69 3.09 13.64
N ARG B 162 2.06 1.98 14.27
CA ARG B 162 3.45 1.50 14.31
C ARG B 162 3.66 0.26 13.41
N GLN B 163 2.73 -0.02 12.51
CA GLN B 163 2.87 -1.15 11.57
C GLN B 163 3.57 -0.63 10.30
N PRO B 164 4.83 -1.03 10.05
CA PRO B 164 5.64 -0.50 8.91
C PRO B 164 5.01 -0.67 7.54
N PHE B 165 4.05 -1.59 7.42
CA PHE B 165 3.33 -1.78 6.12
C PHE B 165 2.27 -0.70 5.93
N SER B 166 1.81 -0.08 7.01
CA SER B 166 0.71 0.91 6.90
C SER B 166 1.12 2.16 6.11
N LYS B 167 0.19 2.67 5.31
CA LYS B 167 0.46 3.95 4.59
C LYS B 167 0.63 5.06 5.64
N TRP B 168 -0.01 4.93 6.79
CA TRP B 168 0.08 5.97 7.81
C TRP B 168 1.00 5.57 8.95
N PHE B 169 1.93 4.65 8.70
CA PHE B 169 2.93 4.31 9.70
C PHE B 169 3.76 5.53 10.05
N VAL B 170 3.97 5.76 11.35
CA VAL B 170 4.93 6.77 11.81
C VAL B 170 5.84 6.10 12.84
N SER B 171 7.16 6.23 12.63
CA SER B 171 8.14 5.69 13.54
C SER B 171 8.12 6.45 14.86
N LYS B 172 8.80 5.87 15.86
CA LYS B 172 8.90 6.51 17.17
C LYS B 172 9.77 7.76 17.13
N SER B 173 10.58 7.88 16.08
CA SER B 173 11.38 9.10 15.88
C SER B 173 10.48 10.17 15.26
N GLU B 174 9.57 9.76 14.38
CA GLU B 174 8.68 10.72 13.67
C GLU B 174 7.61 11.24 14.66
N TYR B 175 7.07 10.36 15.50
CA TYR B 175 6.09 10.75 16.55
C TYR B 175 6.39 9.91 17.78
N PRO B 176 7.09 10.46 18.78
CA PRO B 176 7.57 9.68 19.95
C PRO B 176 6.54 9.41 21.06
N TRP B 177 5.34 9.96 20.94
CA TRP B 177 4.40 9.78 22.07
C TRP B 177 3.36 8.69 21.78
N ASP B 178 2.67 8.20 22.82
CA ASP B 178 1.73 7.06 22.71
C ASP B 178 0.37 7.48 22.16
N ARG B 179 0.08 8.77 22.19
CA ARG B 179 -1.27 9.21 21.78
C ARG B 179 -1.16 10.43 20.88
N TYR B 180 -2.11 10.57 19.96
CA TYR B 180 -2.16 11.76 19.10
C TYR B 180 -3.02 12.80 19.80
N PRO B 181 -2.91 14.09 19.45
CA PRO B 181 -3.82 15.11 20.00
C PRO B 181 -5.20 14.93 19.40
N PRO B 182 -6.20 15.65 19.91
CA PRO B 182 -7.49 15.71 19.22
C PRO B 182 -7.32 16.33 17.84
N PHE B 183 -7.94 15.74 16.82
CA PHE B 183 -7.89 16.33 15.50
C PHE B 183 -9.10 15.88 14.70
N CYS B 184 -9.25 16.47 13.51
CA CYS B 184 -10.33 16.18 12.60
C CYS B 184 -9.81 15.50 11.33
N SER B 185 -10.61 14.60 10.78
CA SER B 185 -10.24 13.91 9.51
C SER B 185 -9.81 14.91 8.43
N GLY B 186 -8.74 14.59 7.71
CA GLY B 186 -8.25 15.46 6.64
C GLY B 186 -9.09 15.36 5.41
N THR B 187 -10.01 14.40 5.36
CA THR B 187 -10.96 14.27 4.24
C THR B 187 -11.66 15.59 4.07
N GLY B 188 -12.00 16.26 5.17
CA GLY B 188 -12.72 17.53 5.10
C GLY B 188 -12.89 18.19 6.45
N TYR B 189 -12.14 19.25 6.70
CA TYR B 189 -12.35 20.00 7.97
C TYR B 189 -12.64 21.48 7.65
N VAL B 190 -13.32 22.15 8.58
CA VAL B 190 -13.71 23.56 8.35
C VAL B 190 -13.25 24.43 9.54
N PHE B 191 -12.78 25.63 9.24
CA PHE B 191 -12.31 26.56 10.28
C PHE B 191 -12.63 27.98 9.89
N SER B 192 -12.96 28.82 10.88
CA SER B 192 -13.10 30.24 10.59
C SER B 192 -11.78 30.78 10.08
N GLY B 193 -11.86 31.84 9.26
CA GLY B 193 -10.69 32.31 8.55
C GLY B 193 -9.58 32.79 9.48
N ASP B 194 -9.94 33.32 10.64
CA ASP B 194 -8.94 33.77 11.62
C ASP B 194 -8.02 32.62 12.04
N VAL B 195 -8.58 31.42 12.22
CA VAL B 195 -7.78 30.29 12.63
C VAL B 195 -6.59 30.10 11.70
N ALA B 196 -6.78 30.38 10.41
CA ALA B 196 -5.68 30.20 9.47
C ALA B 196 -4.46 31.02 9.86
N SER B 197 -4.67 32.26 10.29
CA SER B 197 -3.52 33.09 10.67
C SER B 197 -2.89 32.58 11.96
N GLN B 198 -3.71 32.19 12.94
CA GLN B 198 -3.18 31.68 14.20
C GLN B 198 -2.37 30.39 13.99
N VAL B 199 -2.87 29.47 13.15
CA VAL B 199 -2.14 28.24 12.90
C VAL B 199 -0.83 28.51 12.20
N TYR B 200 -0.84 29.42 11.22
CA TYR B 200 0.40 29.71 10.50
C TYR B 200 1.46 30.28 11.45
N ASN B 201 1.06 31.18 12.35
CA ASN B 201 2.03 31.85 13.22
C ASN B 201 2.59 30.89 14.26
N VAL B 202 1.96 29.74 14.48
CA VAL B 202 2.38 28.77 15.48
C VAL B 202 3.07 27.55 14.85
N SER B 203 2.95 27.35 13.53
CA SER B 203 3.34 26.09 12.91
C SER B 203 4.84 25.81 13.07
N LYS B 204 5.70 26.81 12.90
CA LYS B 204 7.14 26.54 12.98
C LYS B 204 7.63 26.21 14.38
N SER B 205 6.80 26.36 15.42
CA SER B 205 7.19 25.99 16.78
C SER B 205 6.55 24.69 17.24
N VAL B 206 5.75 24.02 16.40
CA VAL B 206 5.05 22.80 16.76
C VAL B 206 5.82 21.62 16.15
N PRO B 207 5.98 20.51 16.86
CA PRO B 207 6.72 19.37 16.30
C PRO B 207 6.07 18.92 15.00
N TYR B 208 6.91 18.71 13.99
CA TYR B 208 6.38 18.35 12.67
C TYR B 208 5.99 16.88 12.60
N ILE B 209 4.96 16.61 11.82
CA ILE B 209 4.56 15.25 11.52
C ILE B 209 4.02 15.22 10.10
N LYS B 210 4.28 14.13 9.38
CA LYS B 210 3.93 14.09 7.96
C LYS B 210 2.45 13.81 7.71
N LEU B 211 1.67 13.50 8.74
CA LEU B 211 0.22 13.40 8.61
C LEU B 211 -0.38 14.78 8.85
N GLU B 212 -0.97 15.35 7.80
CA GLU B 212 -1.36 16.75 7.87
C GLU B 212 -2.45 16.98 8.92
N ASP B 213 -3.43 16.09 9.02
CA ASP B 213 -4.53 16.36 9.95
C ASP B 213 -4.06 16.31 11.40
N VAL B 214 -3.14 15.41 11.73
CA VAL B 214 -2.56 15.37 13.07
C VAL B 214 -1.75 16.63 13.32
N PHE B 215 -1.00 17.10 12.32
CA PHE B 215 -0.19 18.29 12.54
C PHE B 215 -1.06 19.49 12.84
N VAL B 216 -2.11 19.69 12.04
CA VAL B 216 -3.07 20.76 12.31
C VAL B 216 -3.62 20.62 13.73
N GLY B 217 -3.93 19.38 14.14
CA GLY B 217 -4.38 19.15 15.52
C GLY B 217 -3.37 19.61 16.56
N LEU B 218 -2.08 19.34 16.34
CA LEU B 218 -1.05 19.79 17.27
C LEU B 218 -1.04 21.32 17.40
N CYS B 219 -1.18 22.03 16.27
CA CYS B 219 -1.24 23.48 16.31
C CYS B 219 -2.47 23.95 17.08
N LEU B 220 -3.64 23.39 16.79
CA LEU B 220 -4.86 23.78 17.48
C LEU B 220 -4.72 23.57 18.98
N GLU B 221 -4.11 22.45 19.37
CA GLU B 221 -3.84 22.19 20.79
C GLU B 221 -2.91 23.24 21.38
N ARG B 222 -1.87 23.64 20.64
CA ARG B 222 -0.99 24.70 21.12
C ARG B 222 -1.75 26.01 21.34
N LEU B 223 -2.76 26.28 20.52
CA LEU B 223 -3.55 27.51 20.58
C LEU B 223 -4.74 27.44 21.54
N ASN B 224 -4.97 26.30 22.17
CA ASN B 224 -6.12 26.11 23.07
C ASN B 224 -7.45 26.27 22.32
N ILE B 225 -7.46 25.94 21.04
CA ILE B 225 -8.68 25.95 20.24
C ILE B 225 -9.31 24.56 20.36
N ARG B 226 -10.49 24.50 20.92
CA ARG B 226 -11.17 23.21 21.09
C ARG B 226 -11.93 22.88 19.82
N LEU B 227 -11.97 21.60 19.48
CA LEU B 227 -12.72 21.15 18.30
C LEU B 227 -14.19 21.08 18.64
N GLU B 228 -15.04 21.57 17.73
CA GLU B 228 -16.50 21.59 17.94
C GLU B 228 -17.22 20.81 16.86
N GLU B 229 -18.27 20.12 17.26
CA GLU B 229 -19.20 19.55 16.30
C GLU B 229 -19.96 20.65 15.58
N LEU B 230 -20.20 20.44 14.29
CA LEU B 230 -20.91 21.43 13.49
C LEU B 230 -22.40 21.40 13.76
N HIS B 231 -22.95 20.23 14.11
CA HIS B 231 -24.39 20.04 14.14
C HIS B 231 -24.73 18.95 15.14
N SER B 232 -26.01 18.90 15.52
CA SER B 232 -26.47 17.89 16.46
C SER B 232 -26.45 16.49 15.86
N GLN B 233 -26.46 16.38 14.51
CA GLN B 233 -26.31 15.11 13.82
C GLN B 233 -24.96 15.06 13.10
N PRO B 234 -24.39 13.89 12.92
CA PRO B 234 -23.13 13.80 12.15
C PRO B 234 -23.35 14.27 10.72
N THR B 235 -22.38 15.01 10.19
CA THR B 235 -22.48 15.52 8.83
C THR B 235 -21.25 15.26 8.00
N PHE B 236 -20.19 14.79 8.63
CA PHE B 236 -18.94 14.45 7.91
C PHE B 236 -18.81 12.93 7.94
N PHE B 237 -18.48 12.33 6.80
CA PHE B 237 -18.44 10.86 6.70
C PHE B 237 -17.17 10.41 6.00
N PRO B 238 -16.05 10.39 6.73
CA PRO B 238 -14.80 9.85 6.15
C PRO B 238 -14.93 8.38 5.74
N GLY B 239 -15.88 7.65 6.32
CA GLY B 239 -16.08 6.27 6.00
C GLY B 239 -16.92 6.00 4.77
N GLY B 240 -17.50 7.04 4.17
CA GLY B 240 -18.35 6.89 3.02
C GLY B 240 -19.80 6.65 3.42
N LEU B 241 -20.66 6.62 2.40
CA LEU B 241 -22.10 6.54 2.63
C LEU B 241 -22.80 5.84 1.48
N ARG B 242 -23.88 5.14 1.81
CA ARG B 242 -24.82 4.62 0.84
C ARG B 242 -25.63 5.80 0.29
N PHE B 243 -25.64 5.98 -1.02
CA PHE B 243 -26.20 7.19 -1.59
C PHE B 243 -27.72 7.15 -1.57
N SER B 244 -28.33 8.25 -1.11
CA SER B 244 -29.72 8.56 -1.42
C SER B 244 -29.81 10.07 -1.56
N VAL B 245 -30.74 10.51 -2.41
CA VAL B 245 -30.94 11.95 -2.57
C VAL B 245 -31.25 12.58 -1.24
N CYS B 246 -32.11 11.95 -0.45
CA CYS B 246 -32.57 12.57 0.79
C CYS B 246 -31.44 12.65 1.81
N LEU B 247 -30.61 11.61 1.89
CA LEU B 247 -29.50 11.65 2.82
C LEU B 247 -28.50 12.74 2.44
N PHE B 248 -28.15 12.80 1.15
CA PHE B 248 -27.09 13.71 0.72
C PHE B 248 -27.53 15.16 0.76
N ARG B 249 -28.82 15.43 0.85
CA ARG B 249 -29.26 16.81 1.03
C ARG B 249 -28.97 17.32 2.44
N ARG B 250 -28.72 16.44 3.40
CA ARG B 250 -28.50 16.80 4.79
C ARG B 250 -27.20 16.18 5.32
N ILE B 251 -26.16 16.19 4.50
CA ILE B 251 -24.80 15.93 4.95
C ILE B 251 -23.92 17.03 4.38
N VAL B 252 -22.71 17.14 4.91
CA VAL B 252 -21.74 18.11 4.42
C VAL B 252 -20.68 17.45 3.55
N ALA B 253 -20.13 16.31 3.96
CA ALA B 253 -18.99 15.75 3.25
C ALA B 253 -19.05 14.23 3.30
N CYS B 254 -18.74 13.61 2.16
CA CYS B 254 -18.68 12.15 2.04
C CYS B 254 -17.44 11.76 1.25
N HIS B 255 -16.68 10.82 1.80
CA HIS B 255 -15.42 10.31 1.25
C HIS B 255 -15.68 9.10 0.34
N PHE B 256 -14.64 8.68 -0.38
CA PHE B 256 -14.67 7.49 -1.26
C PHE B 256 -15.60 7.67 -2.45
N ILE B 257 -15.43 8.76 -3.19
CA ILE B 257 -16.28 9.06 -4.35
C ILE B 257 -15.39 9.39 -5.54
N LYS B 258 -15.33 8.49 -6.54
CA LYS B 258 -14.49 8.76 -7.69
C LYS B 258 -15.23 9.65 -8.69
N PRO B 259 -14.48 10.27 -9.62
CA PRO B 259 -15.11 11.31 -10.47
C PRO B 259 -16.39 10.86 -11.15
N ARG B 260 -16.39 9.69 -11.78
CA ARG B 260 -17.59 9.21 -12.46
C ARG B 260 -18.78 9.16 -11.52
N THR B 261 -18.57 8.65 -10.30
CA THR B 261 -19.65 8.62 -9.32
C THR B 261 -20.07 10.02 -8.93
N LEU B 262 -19.13 10.94 -8.79
CA LEU B 262 -19.51 12.30 -8.32
C LEU B 262 -20.50 12.91 -9.32
N LEU B 263 -20.19 12.81 -10.61
CA LEU B 263 -21.07 13.37 -11.66
C LEU B 263 -22.45 12.69 -11.63
N ASP B 264 -22.53 11.40 -11.32
CA ASP B 264 -23.84 10.76 -11.18
C ASP B 264 -24.60 11.28 -9.96
N TYR B 265 -23.92 11.45 -8.82
CA TYR B 265 -24.60 11.95 -7.63
C TYR B 265 -25.09 13.38 -7.85
N TRP B 266 -24.25 14.23 -8.42
CA TRP B 266 -24.66 15.63 -8.69
C TRP B 266 -25.87 15.61 -9.59
N GLN B 267 -25.80 14.83 -10.67
CA GLN B 267 -26.93 14.71 -11.57
C GLN B 267 -28.17 14.24 -10.84
N ALA B 268 -28.03 13.25 -9.94
CA ALA B 268 -29.17 12.76 -9.18
C ALA B 268 -29.81 13.87 -8.35
N LEU B 269 -28.98 14.69 -7.70
CA LEU B 269 -29.50 15.81 -6.91
C LEU B 269 -30.14 16.86 -7.82
N GLU B 270 -29.54 17.11 -8.98
CA GLU B 270 -30.12 18.05 -9.92
C GLU B 270 -31.46 17.52 -10.45
N ASN B 271 -31.52 16.24 -10.82
CA ASN B 271 -32.74 15.67 -11.37
C ASN B 271 -33.90 15.71 -10.36
N SER B 272 -33.58 15.68 -9.06
CA SER B 272 -34.61 15.55 -8.05
C SER B 272 -34.82 16.82 -7.24
N ARG B 273 -34.17 17.92 -7.61
CA ARG B 273 -34.39 19.18 -6.89
C ARG B 273 -35.86 19.54 -6.96
N GLY B 274 -36.41 19.97 -5.82
CA GLY B 274 -37.82 20.28 -5.79
C GLY B 274 -38.75 19.13 -5.50
N GLU B 275 -38.22 17.95 -5.21
CA GLU B 275 -39.01 16.90 -4.57
C GLU B 275 -38.83 16.94 -3.06
N ASP B 276 -39.76 16.30 -2.36
CA ASP B 276 -39.76 16.30 -0.91
C ASP B 276 -39.13 15.03 -0.35
N CYS B 277 -38.70 15.14 0.91
CA CYS B 277 -38.05 14.08 1.67
C CYS B 277 -38.64 14.07 3.07
N PRO B 278 -38.78 12.88 3.69
CA PRO B 278 -39.28 12.74 5.06
C PRO B 278 -38.57 13.68 6.04
#